data_4X3O
#
_entry.id   4X3O
#
_cell.length_a   37.433
_cell.length_b   77.594
_cell.length_c   56.249
_cell.angle_alpha   90.000
_cell.angle_beta   97.220
_cell.angle_gamma   90.000
#
_symmetry.space_group_name_H-M   'P 1 21 1'
#
loop_
_entity.id
_entity.type
_entity.pdbx_description
1 polymer 'NAD-dependent protein deacetylase sirtuin-2'
2 polymer 'peptide PRO-LYS-LYS-THR-GLY'
3 non-polymer 'ZINC ION'
4 non-polymer 1,2-ETHANEDIOL
5 non-polymer '[[(2R,3S,4R,5R)-5-(6-aminopurin-9-yl)-3,4-bis(oxidanyl)oxolan-2-yl]methoxy-oxidanyl-phosphoryl] [(2R,3R,4R,5R)-3-oxidanyl-5-sulfanyl-4-tridecoxy-oxolan-2-yl]methyl hydrogen phosphate'
6 water water
#
loop_
_entity_poly.entity_id
_entity_poly.type
_entity_poly.pdbx_seq_one_letter_code
_entity_poly.pdbx_strand_id
1 'polypeptide(L)'
;GSQKERLLDELTLEGVARYMQSERCRRVICLVGAGISTSAGIPDFRSPSTGLYDNLEKYHLPYPEAIFEISYFKKHPEPF
FALAKELYPGQFKPTICHYFMRLLKDKGLLLRCYTQNIDTLERIAGLEQEDLVEAHGTFYTSHCVSASCRHEYPLSWMKE
KIFSEVTPKCEDCQSLVKPDIVFFGESLPARFFSCMQSDFLKVDLLLVMGTSLQVQPFASLISKAPLSTPRLLINKEKAG
QSDPFLGMIMGLGGGMDFDSKKAYRDVAWLGECDQGCLALAELLGWKKELEDLVRREHASIDAQ
;
A
2 'polypeptide(L)' PKKTG C
#
# COMPACT_ATOMS: atom_id res chain seq x y z
N GLY A 1 -4.48 -20.89 17.90
CA GLY A 1 -5.17 -21.51 16.71
C GLY A 1 -6.25 -20.54 16.29
N SER A 2 -7.50 -21.00 16.25
CA SER A 2 -8.66 -20.14 15.94
C SER A 2 -9.35 -19.66 17.21
N GLN A 3 -8.63 -19.65 18.32
CA GLN A 3 -9.17 -19.18 19.58
C GLN A 3 -8.99 -17.66 19.66
N LYS A 4 -10.05 -16.95 20.01
CA LYS A 4 -10.01 -15.50 20.20
C LYS A 4 -9.55 -15.21 21.63
N GLU A 5 -8.27 -14.87 21.78
CA GLU A 5 -7.77 -14.41 23.05
C GLU A 5 -7.40 -12.95 22.88
N ARG A 6 -7.53 -12.21 23.96
CA ARG A 6 -7.16 -10.81 23.99
C ARG A 6 -5.73 -10.65 24.49
N LEU A 7 -4.84 -10.21 23.60
CA LEU A 7 -3.44 -10.00 23.92
C LEU A 7 -3.08 -8.54 24.25
N LEU A 8 -3.88 -7.59 23.78
CA LEU A 8 -3.68 -6.18 24.14
C LEU A 8 -4.26 -5.91 25.51
N ASP A 9 -3.53 -5.14 26.32
CA ASP A 9 -4.03 -4.79 27.64
C ASP A 9 -5.11 -3.70 27.57
N GLU A 10 -5.11 -2.92 26.49
CA GLU A 10 -6.21 -2.00 26.18
C GLU A 10 -6.23 -1.73 24.69
N LEU A 11 -7.41 -1.42 24.18
CA LEU A 11 -7.62 -1.26 22.72
C LEU A 11 -7.37 0.20 22.33
N THR A 12 -6.11 0.57 22.43
CA THR A 12 -5.60 1.92 22.19
C THR A 12 -4.19 1.83 21.60
N LEU A 13 -3.72 2.95 21.06
CA LEU A 13 -2.35 3.03 20.58
C LEU A 13 -1.33 2.70 21.67
N GLU A 14 -1.61 3.14 22.90
CA GLU A 14 -0.74 2.86 24.03
C GLU A 14 -0.66 1.35 24.32
N GLY A 15 -1.80 0.66 24.21
CA GLY A 15 -1.84 -0.80 24.33
C GLY A 15 -1.02 -1.49 23.26
N VAL A 16 -1.15 -0.99 22.03
CA VAL A 16 -0.38 -1.54 20.92
C VAL A 16 1.13 -1.37 21.13
N ALA A 17 1.55 -0.18 21.57
CA ALA A 17 2.97 0.06 21.82
C ALA A 17 3.52 -0.88 22.89
N ARG A 18 2.78 -1.05 23.99
CA ARG A 18 3.22 -2.00 25.04
C ARG A 18 3.35 -3.43 24.50
N TYR A 19 2.39 -3.83 23.69
CA TYR A 19 2.43 -5.14 23.02
C TYR A 19 3.67 -5.28 22.12
N MET A 20 3.94 -4.24 21.34
CA MET A 20 5.09 -4.27 20.42
C MET A 20 6.42 -4.45 21.15
N GLN A 21 6.53 -3.90 22.36
CA GLN A 21 7.78 -4.02 23.11
C GLN A 21 7.79 -5.18 24.10
N SER A 22 6.80 -6.04 24.01
CA SER A 22 6.77 -7.30 24.73
C SER A 22 7.41 -8.41 23.91
N GLU A 23 7.74 -9.50 24.57
CA GLU A 23 8.40 -10.64 23.90
C GLU A 23 7.54 -11.30 22.83
N ARG A 24 6.23 -11.20 23.00
CA ARG A 24 5.25 -11.85 22.13
C ARG A 24 5.18 -11.24 20.72
N CYS A 25 5.60 -9.98 20.58
CA CYS A 25 5.54 -9.31 19.29
C CYS A 25 6.89 -9.26 18.60
N ARG A 26 7.15 -10.15 17.64
N ARG A 26 7.11 -10.23 17.72
CA ARG A 26 8.42 -10.15 16.93
CA ARG A 26 8.35 -10.41 16.97
C ARG A 26 8.23 -9.91 15.44
C ARG A 26 8.21 -10.05 15.49
N ARG A 27 7.04 -10.20 14.92
N ARG A 27 7.00 -10.16 14.92
CA ARG A 27 6.79 -10.13 13.49
CA ARG A 27 6.78 -10.21 13.46
C ARG A 27 5.59 -9.26 13.21
C ARG A 27 5.57 -9.34 13.07
N VAL A 28 5.83 -8.17 12.49
CA VAL A 28 4.78 -7.22 12.10
C VAL A 28 4.61 -7.25 10.59
N ILE A 29 3.36 -7.30 10.15
CA ILE A 29 3.02 -7.11 8.73
C ILE A 29 2.32 -5.77 8.60
N CYS A 30 2.77 -4.96 7.64
CA CYS A 30 2.10 -3.72 7.31
C CYS A 30 1.33 -3.93 6.03
N LEU A 31 0.10 -3.41 5.99
CA LEU A 31 -0.74 -3.39 4.81
C LEU A 31 -1.03 -1.94 4.52
N VAL A 32 -0.63 -1.44 3.36
CA VAL A 32 -0.70 -0.02 3.07
C VAL A 32 -1.31 0.28 1.72
N GLY A 33 -1.94 1.46 1.64
CA GLY A 33 -2.49 1.95 0.41
C GLY A 33 -2.22 3.42 0.18
N ALA A 34 -3.04 4.01 -0.69
CA ALA A 34 -2.72 5.32 -1.26
C ALA A 34 -2.72 6.44 -0.25
N GLY A 35 -3.38 6.22 0.87
CA GLY A 35 -3.36 7.22 1.93
C GLY A 35 -2.02 7.49 2.55
N ILE A 36 -1.07 6.57 2.42
CA ILE A 36 0.25 6.83 2.96
C ILE A 36 1.11 7.71 2.05
N SER A 37 0.65 7.97 0.83
CA SER A 37 1.39 8.81 -0.11
C SER A 37 0.72 10.10 -0.49
N THR A 38 -0.45 10.39 0.07
CA THR A 38 -1.10 11.65 -0.22
C THR A 38 -0.28 12.84 0.27
N SER A 39 0.40 12.72 1.43
N SER A 39 0.39 12.70 1.42
CA SER A 39 1.27 13.82 1.88
CA SER A 39 1.31 13.76 1.89
C SER A 39 2.58 13.91 1.06
C SER A 39 2.49 13.97 0.95
N ALA A 40 2.86 12.94 0.18
CA ALA A 40 3.96 13.01 -0.83
C ALA A 40 3.49 13.55 -2.22
N GLY A 41 2.22 13.96 -2.30
CA GLY A 41 1.66 14.60 -3.49
C GLY A 41 1.05 13.70 -4.52
N ILE A 42 0.72 12.46 -4.15
CA ILE A 42 0.06 11.55 -5.07
C ILE A 42 -1.34 11.38 -4.49
N PRO A 43 -2.37 11.82 -5.24
CA PRO A 43 -3.72 11.68 -4.72
C PRO A 43 -4.10 10.23 -4.52
N ASP A 44 -5.02 10.01 -3.58
CA ASP A 44 -5.62 8.70 -3.45
C ASP A 44 -6.70 8.54 -4.51
N PHE A 45 -7.46 7.45 -4.42
CA PHE A 45 -8.48 7.15 -5.41
C PHE A 45 -9.86 7.60 -4.96
N ARG A 46 -10.19 7.29 -3.70
CA ARG A 46 -11.58 7.37 -3.25
C ARG A 46 -11.96 8.52 -2.33
N SER A 47 -11.01 9.38 -1.94
CA SER A 47 -11.38 10.54 -1.12
C SER A 47 -12.24 11.47 -1.96
N PRO A 48 -13.31 12.00 -1.36
CA PRO A 48 -14.15 12.93 -2.14
C PRO A 48 -13.38 14.17 -2.52
N SER A 49 -13.63 14.65 -3.74
CA SER A 49 -13.07 15.89 -4.28
C SER A 49 -11.59 15.82 -4.68
N THR A 50 -10.72 15.35 -3.77
CA THR A 50 -9.28 15.25 -4.04
C THR A 50 -8.86 13.92 -4.66
N GLY A 51 -9.66 12.88 -4.44
CA GLY A 51 -9.34 11.56 -4.99
C GLY A 51 -9.43 11.49 -6.49
N LEU A 52 -8.71 10.54 -7.08
CA LEU A 52 -8.68 10.42 -8.55
C LEU A 52 -10.04 10.23 -9.14
N TYR A 53 -10.89 9.44 -8.49
CA TYR A 53 -12.20 9.15 -9.09
C TYR A 53 -13.06 10.39 -9.27
N ASP A 54 -12.79 11.47 -8.52
CA ASP A 54 -13.51 12.73 -8.73
C ASP A 54 -12.84 13.68 -9.69
N ASN A 55 -11.74 13.27 -10.33
CA ASN A 55 -10.95 14.17 -11.18
C ASN A 55 -10.62 13.56 -12.54
N LEU A 56 -11.58 12.84 -13.09
CA LEU A 56 -11.41 12.12 -14.36
C LEU A 56 -12.28 12.64 -15.49
N GLU A 57 -13.07 13.67 -15.25
CA GLU A 57 -14.02 14.17 -16.26
C GLU A 57 -13.34 14.54 -17.57
N LYS A 58 -12.18 15.19 -17.49
CA LYS A 58 -11.48 15.62 -18.71
C LYS A 58 -10.93 14.50 -19.59
N TYR A 59 -10.94 13.23 -19.15
CA TYR A 59 -10.33 12.16 -19.94
C TYR A 59 -11.22 11.52 -20.99
N HIS A 60 -12.46 12.00 -21.10
CA HIS A 60 -13.40 11.59 -22.16
C HIS A 60 -13.61 10.07 -22.12
N LEU A 61 -13.60 9.50 -20.91
CA LEU A 61 -13.75 8.05 -20.73
C LEU A 61 -15.20 7.66 -20.94
N PRO A 62 -15.47 6.40 -21.34
CA PRO A 62 -16.85 5.93 -21.41
C PRO A 62 -17.51 5.81 -20.03
N TYR A 63 -16.69 5.56 -19.01
CA TYR A 63 -17.11 5.58 -17.60
C TYR A 63 -15.81 5.68 -16.75
N PRO A 64 -15.90 6.19 -15.49
CA PRO A 64 -14.70 6.59 -14.74
C PRO A 64 -13.78 5.46 -14.26
N GLU A 65 -14.35 4.26 -14.12
CA GLU A 65 -13.60 3.07 -13.71
C GLU A 65 -12.65 2.61 -14.79
N ALA A 66 -13.00 2.90 -16.04
CA ALA A 66 -12.34 2.37 -17.23
C ALA A 66 -10.86 2.66 -17.32
N ILE A 67 -10.41 3.81 -16.83
CA ILE A 67 -9.00 4.20 -16.95
C ILE A 67 -8.06 3.28 -16.14
N PHE A 68 -8.61 2.56 -15.16
CA PHE A 68 -7.84 1.59 -14.37
C PHE A 68 -8.18 0.14 -14.68
N GLU A 69 -8.88 -0.11 -15.79
CA GLU A 69 -9.30 -1.45 -16.21
C GLU A 69 -8.46 -1.88 -17.42
N ILE A 70 -8.00 -3.14 -17.39
CA ILE A 70 -7.09 -3.66 -18.41
C ILE A 70 -7.72 -3.73 -19.80
N SER A 71 -8.99 -4.13 -19.88
CA SER A 71 -9.70 -4.21 -21.17
C SER A 71 -9.73 -2.84 -21.85
N TYR A 72 -10.06 -1.80 -21.08
CA TYR A 72 -10.06 -0.44 -21.64
C TYR A 72 -8.67 0.01 -22.05
N PHE A 73 -7.69 -0.20 -21.16
CA PHE A 73 -6.29 0.12 -21.47
C PHE A 73 -5.82 -0.49 -22.80
N LYS A 74 -6.12 -1.76 -22.99
N LYS A 74 -6.11 -1.75 -23.03
CA LYS A 74 -5.81 -2.52 -24.21
CA LYS A 74 -5.66 -2.40 -24.28
C LYS A 74 -6.33 -1.83 -25.46
C LYS A 74 -6.32 -1.83 -25.52
N LYS A 75 -7.61 -1.44 -25.41
CA LYS A 75 -8.31 -0.81 -26.53
C LYS A 75 -7.82 0.64 -26.78
N HIS A 76 -7.58 1.36 -25.70
CA HIS A 76 -7.24 2.79 -25.75
C HIS A 76 -6.27 3.15 -24.61
N PRO A 77 -4.95 3.00 -24.83
CA PRO A 77 -4.01 3.31 -23.75
C PRO A 77 -3.76 4.80 -23.53
N GLU A 78 -4.22 5.65 -24.43
CA GLU A 78 -3.84 7.07 -24.40
C GLU A 78 -4.35 7.79 -23.14
N PRO A 79 -5.61 7.55 -22.72
CA PRO A 79 -6.07 8.22 -21.49
C PRO A 79 -5.22 7.90 -20.26
N PHE A 80 -4.89 6.62 -20.06
CA PHE A 80 -4.05 6.25 -18.94
C PHE A 80 -2.71 6.99 -18.99
N PHE A 81 -2.06 7.02 -20.15
CA PHE A 81 -0.76 7.71 -20.25
C PHE A 81 -0.85 9.23 -20.07
N ALA A 82 -1.99 9.80 -20.47
CA ALA A 82 -2.26 11.22 -20.22
C ALA A 82 -2.43 11.48 -18.72
N LEU A 83 -3.15 10.59 -18.02
CA LEU A 83 -3.28 10.71 -16.56
C LEU A 83 -1.91 10.55 -15.89
N ALA A 84 -1.12 9.58 -16.35
CA ALA A 84 0.21 9.38 -15.76
C ALA A 84 1.07 10.62 -15.87
N LYS A 85 1.02 11.32 -16.99
CA LYS A 85 1.76 12.58 -17.13
C LYS A 85 1.26 13.63 -16.14
N GLU A 86 -0.05 13.72 -15.96
CA GLU A 86 -0.63 14.69 -15.02
C GLU A 86 -0.18 14.42 -13.58
N LEU A 87 -0.07 13.15 -13.19
CA LEU A 87 0.23 12.77 -11.80
C LEU A 87 1.72 12.56 -11.48
N TYR A 88 2.54 12.39 -12.51
CA TYR A 88 3.93 11.99 -12.30
C TYR A 88 4.68 13.06 -11.52
N PRO A 89 5.24 12.71 -10.35
CA PRO A 89 5.95 13.76 -9.61
C PRO A 89 7.37 14.05 -10.11
N GLY A 90 7.77 15.33 -10.04
CA GLY A 90 9.16 15.72 -10.29
C GLY A 90 10.14 15.28 -9.23
N GLN A 91 9.64 15.02 -8.02
CA GLN A 91 10.45 14.50 -6.92
C GLN A 91 9.73 13.34 -6.18
N PHE A 92 10.45 12.25 -5.95
CA PHE A 92 9.94 11.09 -5.18
C PHE A 92 10.48 11.15 -3.74
N LYS A 93 9.67 11.64 -2.81
CA LYS A 93 10.08 11.85 -1.43
C LYS A 93 9.12 11.05 -0.51
N PRO A 94 9.60 9.94 0.06
CA PRO A 94 8.72 9.21 0.98
C PRO A 94 8.30 10.01 2.20
N THR A 95 7.18 9.61 2.78
CA THR A 95 6.57 10.28 3.91
C THR A 95 7.11 9.76 5.24
N ILE A 96 6.75 10.44 6.30
CA ILE A 96 7.04 9.98 7.66
C ILE A 96 6.55 8.52 7.87
N CYS A 97 5.36 8.22 7.35
N CYS A 97 5.36 8.18 7.35
CA CYS A 97 4.81 6.88 7.43
CA CYS A 97 4.86 6.81 7.42
C CYS A 97 5.73 5.82 6.75
C CYS A 97 5.77 5.80 6.75
N HIS A 98 6.24 6.14 5.56
CA HIS A 98 7.19 5.27 4.89
C HIS A 98 8.42 5.01 5.73
N TYR A 99 8.93 6.08 6.33
CA TYR A 99 10.15 5.95 7.15
C TYR A 99 9.88 5.21 8.46
N PHE A 100 8.64 5.24 8.98
CA PHE A 100 8.30 4.42 10.12
C PHE A 100 8.45 2.94 9.78
N MET A 101 8.01 2.57 8.58
CA MET A 101 8.19 1.20 8.12
C MET A 101 9.66 0.86 7.96
N ARG A 102 10.48 1.81 7.49
CA ARG A 102 11.92 1.62 7.49
C ARG A 102 12.47 1.34 8.88
N LEU A 103 11.98 2.05 9.90
CA LEU A 103 12.38 1.75 11.27
C LEU A 103 11.98 0.37 11.68
N LEU A 104 10.77 -0.08 11.32
CA LEU A 104 10.38 -1.45 11.66
C LEU A 104 11.35 -2.46 11.05
N LYS A 105 11.77 -2.19 9.82
CA LYS A 105 12.80 -3.04 9.18
C LYS A 105 14.11 -3.01 9.96
N ASP A 106 14.61 -1.82 10.24
CA ASP A 106 15.89 -1.68 10.92
C ASP A 106 15.90 -2.27 12.34
N LYS A 107 14.73 -2.30 13.00
CA LYS A 107 14.60 -2.81 14.36
C LYS A 107 14.33 -4.33 14.38
N GLY A 108 14.29 -4.95 13.19
CA GLY A 108 14.06 -6.39 13.05
C GLY A 108 12.64 -6.87 13.29
N LEU A 109 11.67 -5.97 13.16
CA LEU A 109 10.27 -6.24 13.42
C LEU A 109 9.45 -6.47 12.17
N LEU A 110 9.94 -6.03 11.01
CA LEU A 110 9.15 -6.09 9.80
C LEU A 110 9.23 -7.47 9.13
N LEU A 111 8.13 -8.23 9.20
CA LEU A 111 8.06 -9.47 8.46
C LEU A 111 7.80 -9.17 6.98
N ARG A 112 6.87 -8.27 6.68
CA ARG A 112 6.59 -7.88 5.32
C ARG A 112 5.76 -6.62 5.30
N CYS A 113 5.98 -5.82 4.27
CA CYS A 113 5.06 -4.72 3.90
C CYS A 113 4.38 -5.14 2.61
N TYR A 114 3.06 -5.28 2.64
CA TYR A 114 2.25 -5.46 1.44
C TYR A 114 1.71 -4.09 1.09
N THR A 115 2.04 -3.62 -0.10
CA THR A 115 1.57 -2.31 -0.55
C THR A 115 0.70 -2.44 -1.79
N GLN A 116 -0.31 -1.58 -1.85
CA GLN A 116 -1.18 -1.44 -3.02
C GLN A 116 -0.67 -0.31 -3.92
N ASN A 117 0.33 0.44 -3.45
CA ASN A 117 0.81 1.61 -4.18
C ASN A 117 1.82 1.23 -5.25
N ILE A 118 1.87 2.04 -6.31
CA ILE A 118 2.74 1.76 -7.46
C ILE A 118 3.84 2.80 -7.57
N ASP A 119 3.95 3.67 -6.55
CA ASP A 119 4.78 4.89 -6.64
C ASP A 119 6.28 4.74 -6.30
N THR A 120 6.67 3.55 -5.87
CA THR A 120 8.08 3.19 -5.54
C THR A 120 8.59 3.81 -4.24
N LEU A 121 7.73 4.49 -3.48
CA LEU A 121 8.21 5.21 -2.31
C LEU A 121 8.71 4.29 -1.19
N GLU A 122 8.14 3.07 -1.06
CA GLU A 122 8.66 2.09 -0.12
C GLU A 122 10.11 1.72 -0.43
N ARG A 123 10.43 1.55 -1.73
CA ARG A 123 11.81 1.22 -2.10
C ARG A 123 12.76 2.39 -1.78
N ILE A 124 12.31 3.61 -2.07
CA ILE A 124 13.11 4.79 -1.80
C ILE A 124 13.36 4.98 -0.29
N ALA A 125 12.37 4.63 0.53
CA ALA A 125 12.53 4.67 1.97
C ALA A 125 13.44 3.57 2.51
N GLY A 126 13.78 2.58 1.68
CA GLY A 126 14.79 1.59 2.07
C GLY A 126 14.25 0.18 2.24
N LEU A 127 12.97 -0.08 1.91
CA LEU A 127 12.49 -1.46 1.96
C LEU A 127 13.00 -2.22 0.73
N GLU A 128 13.55 -3.40 0.98
CA GLU A 128 14.14 -4.21 -0.06
C GLU A 128 13.20 -5.36 -0.50
N GLN A 129 13.66 -6.17 -1.46
CA GLN A 129 12.89 -7.33 -1.94
C GLN A 129 12.37 -8.25 -0.87
N GLU A 130 13.24 -8.60 0.09
CA GLU A 130 12.92 -9.50 1.20
C GLU A 130 11.73 -8.92 2.01
N ASP A 131 11.63 -7.59 2.04
CA ASP A 131 10.70 -6.89 2.89
C ASP A 131 9.36 -6.55 2.29
N LEU A 132 9.24 -6.56 0.96
CA LEU A 132 8.20 -5.84 0.26
C LEU A 132 7.44 -6.71 -0.71
N VAL A 133 6.10 -6.66 -0.67
CA VAL A 133 5.22 -7.20 -1.70
C VAL A 133 4.47 -6.04 -2.34
N GLU A 134 4.79 -5.75 -3.61
CA GLU A 134 4.07 -4.73 -4.38
C GLU A 134 2.88 -5.45 -4.99
N ALA A 135 1.79 -5.50 -4.25
CA ALA A 135 0.64 -6.31 -4.60
C ALA A 135 -0.03 -5.90 -5.91
N HIS A 136 0.00 -4.58 -6.19
CA HIS A 136 -0.56 -4.05 -7.42
C HIS A 136 0.52 -3.62 -8.39
N GLY A 137 1.72 -4.19 -8.23
CA GLY A 137 2.81 -3.93 -9.16
C GLY A 137 3.48 -2.60 -8.89
N THR A 138 4.13 -2.06 -9.90
CA THR A 138 4.97 -0.91 -9.73
C THR A 138 5.22 -0.21 -11.05
N PHE A 139 5.43 1.09 -10.99
CA PHE A 139 6.00 1.83 -12.13
C PHE A 139 7.50 1.66 -12.26
N TYR A 140 8.20 1.05 -11.30
CA TYR A 140 9.68 1.05 -11.38
C TYR A 140 10.21 0.42 -12.65
N THR A 141 9.52 -0.62 -13.10
CA THR A 141 9.84 -1.27 -14.36
C THR A 141 8.59 -1.37 -15.20
N SER A 142 8.82 -1.51 -16.50
CA SER A 142 7.76 -1.67 -17.52
C SER A 142 8.15 -2.80 -18.45
N HIS A 143 7.17 -3.39 -19.12
CA HIS A 143 7.43 -4.45 -20.10
C HIS A 143 6.60 -4.30 -21.35
N CYS A 144 7.25 -4.59 -22.48
CA CYS A 144 6.55 -4.90 -23.70
C CYS A 144 5.43 -5.92 -23.45
N VAL A 145 4.26 -5.67 -24.02
CA VAL A 145 3.08 -6.52 -23.81
C VAL A 145 3.05 -7.77 -24.71
N SER A 146 3.91 -7.84 -25.71
N SER A 146 3.89 -7.84 -25.74
CA SER A 146 3.88 -8.99 -26.63
CA SER A 146 3.84 -8.99 -26.64
C SER A 146 4.45 -10.22 -25.96
C SER A 146 4.44 -10.22 -25.97
N ALA A 147 3.67 -11.31 -25.94
CA ALA A 147 4.06 -12.53 -25.24
C ALA A 147 5.41 -13.10 -25.64
N SER A 148 5.75 -12.99 -26.92
CA SER A 148 7.03 -13.51 -27.45
C SER A 148 8.24 -12.60 -27.21
N CYS A 149 8.01 -11.42 -26.65
CA CYS A 149 9.06 -10.42 -26.45
C CYS A 149 9.23 -10.12 -24.96
N ARG A 150 8.29 -9.37 -24.38
CA ARG A 150 8.31 -9.00 -22.97
C ARG A 150 9.60 -8.30 -22.54
N HIS A 151 10.25 -7.54 -23.41
N HIS A 151 10.23 -7.52 -23.43
CA HIS A 151 11.46 -6.86 -23.01
CA HIS A 151 11.41 -6.69 -23.10
C HIS A 151 11.17 -5.72 -22.01
C HIS A 151 11.10 -5.76 -21.93
N GLU A 152 12.07 -5.62 -21.03
CA GLU A 152 11.92 -4.77 -19.86
C GLU A 152 12.52 -3.37 -20.11
N TYR A 153 11.85 -2.34 -19.59
CA TYR A 153 12.31 -0.96 -19.69
C TYR A 153 12.31 -0.31 -18.31
N PRO A 154 13.34 0.51 -18.05
CA PRO A 154 13.42 1.16 -16.75
C PRO A 154 12.53 2.39 -16.66
N LEU A 155 12.35 2.90 -15.44
CA LEU A 155 11.50 4.07 -15.24
C LEU A 155 11.98 5.31 -15.97
N SER A 156 13.29 5.50 -16.10
CA SER A 156 13.80 6.67 -16.84
C SER A 156 13.26 6.66 -18.28
N TRP A 157 13.19 5.48 -18.89
CA TRP A 157 12.70 5.35 -20.28
C TRP A 157 11.20 5.63 -20.34
N MET A 158 10.46 5.03 -19.42
CA MET A 158 9.00 5.23 -19.37
C MET A 158 8.63 6.67 -19.05
N LYS A 159 9.33 7.29 -18.10
CA LYS A 159 9.11 8.70 -17.81
C LYS A 159 9.26 9.58 -19.07
N GLU A 160 10.32 9.37 -19.85
CA GLU A 160 10.55 10.20 -21.04
C GLU A 160 9.42 10.05 -22.05
N LYS A 161 8.92 8.82 -22.23
CA LYS A 161 7.80 8.61 -23.13
C LYS A 161 6.53 9.32 -22.62
N ILE A 162 6.29 9.22 -21.33
CA ILE A 162 5.11 9.86 -20.71
C ILE A 162 5.14 11.39 -20.88
N PHE A 163 6.30 11.98 -20.66
CA PHE A 163 6.40 13.45 -20.73
C PHE A 163 6.44 14.00 -22.16
N SER A 164 6.98 13.22 -23.08
CA SER A 164 6.92 13.52 -24.51
C SER A 164 5.52 13.35 -25.12
N GLU A 165 4.59 12.74 -24.37
CA GLU A 165 3.24 12.42 -24.87
C GLU A 165 3.32 11.49 -26.10
N VAL A 166 4.29 10.57 -26.06
CA VAL A 166 4.51 9.55 -27.09
C VAL A 166 4.05 8.25 -26.46
N THR A 167 3.06 7.57 -27.06
CA THR A 167 2.59 6.29 -26.51
C THR A 167 3.76 5.33 -26.57
N PRO A 168 4.15 4.70 -25.42
CA PRO A 168 5.42 3.96 -25.43
C PRO A 168 5.38 2.65 -26.22
N LYS A 169 6.34 2.48 -27.14
CA LYS A 169 6.44 1.31 -27.99
C LYS A 169 7.79 0.66 -27.81
N CYS A 170 7.79 -0.65 -27.92
CA CYS A 170 8.98 -1.47 -27.69
C CYS A 170 9.97 -1.22 -28.81
N GLU A 171 11.22 -0.99 -28.46
CA GLU A 171 12.26 -0.78 -29.45
C GLU A 171 12.60 -2.03 -30.25
N ASP A 172 12.31 -3.21 -29.70
CA ASP A 172 12.61 -4.46 -30.37
C ASP A 172 11.47 -4.95 -31.24
N CYS A 173 10.22 -4.74 -30.84
CA CYS A 173 9.09 -5.28 -31.65
C CYS A 173 7.98 -4.29 -31.97
N GLN A 174 8.04 -3.07 -31.46
CA GLN A 174 7.05 -2.00 -31.67
C GLN A 174 5.65 -2.26 -31.06
N SER A 175 5.52 -3.25 -30.18
CA SER A 175 4.31 -3.41 -29.38
C SER A 175 4.23 -2.34 -28.28
N LEU A 176 3.07 -2.23 -27.65
CA LEU A 176 2.91 -1.35 -26.52
C LEU A 176 3.81 -1.79 -25.36
N VAL A 177 4.34 -0.81 -24.64
CA VAL A 177 5.06 -1.06 -23.37
C VAL A 177 4.21 -0.52 -22.22
N LYS A 178 3.96 -1.39 -21.24
CA LYS A 178 3.03 -1.12 -20.13
C LYS A 178 3.85 -1.08 -18.83
N PRO A 179 3.66 -0.04 -17.99
CA PRO A 179 4.21 -0.11 -16.63
C PRO A 179 3.74 -1.39 -15.92
N ASP A 180 4.59 -1.93 -15.05
CA ASP A 180 4.35 -3.21 -14.37
C ASP A 180 3.31 -3.11 -13.24
N ILE A 181 2.25 -2.35 -13.50
CA ILE A 181 1.15 -2.22 -12.59
C ILE A 181 0.07 -3.25 -12.90
N VAL A 182 -0.73 -3.54 -11.89
CA VAL A 182 -1.84 -4.45 -11.99
C VAL A 182 -3.09 -3.62 -12.16
N PHE A 183 -3.66 -3.63 -13.38
CA PHE A 183 -4.95 -2.98 -13.64
C PHE A 183 -6.07 -3.89 -13.08
N PHE A 184 -7.26 -3.31 -12.81
CA PHE A 184 -8.45 -4.15 -12.60
C PHE A 184 -8.56 -5.16 -13.75
N GLY A 185 -8.80 -6.40 -13.38
CA GLY A 185 -8.94 -7.48 -14.34
C GLY A 185 -7.67 -8.25 -14.64
N GLU A 186 -6.53 -7.81 -14.09
CA GLU A 186 -5.26 -8.52 -14.21
C GLU A 186 -5.01 -9.34 -12.95
N SER A 187 -4.24 -10.41 -13.14
CA SER A 187 -3.81 -11.24 -12.02
C SER A 187 -2.78 -10.50 -11.17
N LEU A 188 -2.86 -10.67 -9.85
CA LEU A 188 -1.80 -10.18 -8.96
C LEU A 188 -0.55 -11.03 -9.14
N PRO A 189 0.63 -10.48 -8.81
CA PRO A 189 1.88 -11.24 -8.92
C PRO A 189 1.87 -12.52 -8.08
N ALA A 190 2.51 -13.55 -8.61
CA ALA A 190 2.64 -14.81 -7.88
C ALA A 190 3.20 -14.66 -6.47
N ARG A 191 4.20 -13.79 -6.27
CA ARG A 191 4.80 -13.64 -4.93
C ARG A 191 3.80 -13.07 -3.89
N PHE A 192 2.73 -12.40 -4.35
CA PHE A 192 1.66 -12.02 -3.41
C PHE A 192 1.10 -13.24 -2.68
N PHE A 193 0.81 -14.28 -3.46
CA PHE A 193 0.19 -15.49 -2.94
C PHE A 193 1.18 -16.34 -2.15
N SER A 194 2.42 -16.47 -2.64
CA SER A 194 3.42 -17.26 -1.90
C SER A 194 3.75 -16.60 -0.57
N CYS A 195 3.92 -15.28 -0.56
CA CYS A 195 4.17 -14.59 0.69
C CYS A 195 2.96 -14.70 1.63
N MET A 196 1.75 -14.50 1.10
CA MET A 196 0.58 -14.51 1.99
C MET A 196 0.44 -15.85 2.70
N GLN A 197 0.67 -16.93 1.96
N GLN A 197 0.64 -16.93 1.94
CA GLN A 197 0.47 -18.27 2.50
CA GLN A 197 0.52 -18.29 2.48
C GLN A 197 1.50 -18.70 3.55
C GLN A 197 1.41 -18.50 3.70
N SER A 198 2.63 -18.00 3.61
CA SER A 198 3.65 -18.19 4.64
C SER A 198 3.54 -17.14 5.77
N ASP A 199 3.48 -15.87 5.39
CA ASP A 199 3.59 -14.78 6.34
C ASP A 199 2.47 -14.78 7.38
N PHE A 200 1.27 -15.10 6.95
CA PHE A 200 0.11 -14.96 7.84
C PHE A 200 -0.02 -16.11 8.83
N LEU A 201 0.81 -17.14 8.69
CA LEU A 201 0.90 -18.20 9.68
C LEU A 201 1.51 -17.73 10.97
N LYS A 202 2.38 -16.70 10.87
CA LYS A 202 3.27 -16.36 11.96
C LYS A 202 3.32 -14.87 12.29
N VAL A 203 2.33 -14.10 11.87
CA VAL A 203 2.30 -12.67 12.14
C VAL A 203 1.78 -12.38 13.56
N ASP A 204 2.46 -11.48 14.28
CA ASP A 204 2.09 -11.06 15.64
C ASP A 204 1.33 -9.76 15.73
N LEU A 205 1.43 -8.92 14.71
CA LEU A 205 0.72 -7.65 14.66
C LEU A 205 0.50 -7.26 13.20
N LEU A 206 -0.71 -6.80 12.91
N LEU A 206 -0.73 -6.84 12.86
CA LEU A 206 -1.05 -6.30 11.59
CA LEU A 206 -1.00 -6.15 11.59
C LEU A 206 -1.27 -4.80 11.69
C LEU A 206 -1.04 -4.66 11.84
N LEU A 207 -0.53 -4.02 10.90
N LEU A 207 -0.33 -3.92 11.00
CA LEU A 207 -0.58 -2.55 10.91
CA LEU A 207 -0.52 -2.47 10.91
C LEU A 207 -1.07 -2.08 9.57
C LEU A 207 -1.16 -2.24 9.55
N VAL A 208 -2.31 -1.59 9.53
CA VAL A 208 -3.03 -1.26 8.30
C VAL A 208 -3.07 0.26 8.20
N MET A 209 -2.58 0.83 7.09
CA MET A 209 -2.45 2.28 7.00
C MET A 209 -2.86 2.83 5.65
N GLY A 210 -3.71 3.85 5.64
CA GLY A 210 -3.97 4.56 4.38
C GLY A 210 -4.67 3.75 3.32
N THR A 211 -5.64 2.94 3.69
CA THR A 211 -6.39 2.17 2.68
C THR A 211 -7.84 2.08 3.10
N SER A 212 -8.70 2.17 2.11
CA SER A 212 -10.13 1.98 2.31
C SER A 212 -10.56 0.50 2.33
N LEU A 213 -9.64 -0.40 2.01
CA LEU A 213 -9.90 -1.85 2.04
C LEU A 213 -11.14 -2.23 1.20
N GLN A 214 -11.20 -1.67 0.00
N GLN A 214 -11.24 -1.66 0.01
CA GLN A 214 -12.30 -1.88 -0.97
CA GLN A 214 -12.33 -1.99 -0.90
C GLN A 214 -11.94 -2.72 -2.19
C GLN A 214 -11.89 -3.03 -1.93
N VAL A 215 -10.65 -2.93 -2.41
CA VAL A 215 -10.16 -3.71 -3.55
C VAL A 215 -9.65 -5.10 -3.10
N GLN A 216 -10.06 -6.11 -3.87
CA GLN A 216 -9.78 -7.51 -3.58
C GLN A 216 -8.80 -8.06 -4.62
N PRO A 217 -8.01 -9.08 -4.26
CA PRO A 217 -8.03 -9.77 -2.96
C PRO A 217 -7.22 -9.12 -1.84
N PHE A 218 -6.61 -7.97 -2.08
CA PHE A 218 -5.81 -7.32 -1.05
C PHE A 218 -6.55 -7.14 0.26
N ALA A 219 -7.77 -6.62 0.18
CA ALA A 219 -8.54 -6.35 1.42
C ALA A 219 -8.73 -7.58 2.30
N SER A 220 -8.85 -8.75 1.68
CA SER A 220 -9.04 -10.00 2.41
C SER A 220 -7.84 -10.40 3.25
N LEU A 221 -6.66 -9.78 3.02
CA LEU A 221 -5.51 -10.10 3.86
C LEU A 221 -5.76 -9.89 5.35
N ILE A 222 -6.63 -8.95 5.72
CA ILE A 222 -6.87 -8.77 7.17
C ILE A 222 -7.44 -10.02 7.84
N SER A 223 -8.17 -10.83 7.08
N SER A 223 -8.19 -10.82 7.08
CA SER A 223 -8.81 -12.03 7.60
CA SER A 223 -8.82 -12.03 7.58
C SER A 223 -7.88 -13.23 7.68
C SER A 223 -7.92 -13.27 7.60
N LYS A 224 -6.69 -13.13 7.09
CA LYS A 224 -5.73 -14.23 7.06
C LYS A 224 -4.89 -14.36 8.33
N ALA A 225 -4.80 -13.30 9.12
CA ALA A 225 -4.06 -13.37 10.37
C ALA A 225 -4.74 -14.32 11.37
N PRO A 226 -3.96 -14.94 12.27
CA PRO A 226 -4.58 -15.69 13.37
C PRO A 226 -5.57 -14.79 14.11
N LEU A 227 -6.63 -15.38 14.65
CA LEU A 227 -7.71 -14.62 15.31
C LEU A 227 -7.25 -13.85 16.56
N SER A 228 -6.11 -14.20 17.14
N SER A 228 -6.13 -14.25 17.16
CA SER A 228 -5.58 -13.47 18.28
CA SER A 228 -5.54 -13.54 18.29
C SER A 228 -4.54 -12.41 17.92
C SER A 228 -4.56 -12.42 17.92
N THR A 229 -4.22 -12.27 16.64
CA THR A 229 -3.26 -11.22 16.24
C THR A 229 -3.92 -9.84 16.30
N PRO A 230 -3.37 -8.91 17.11
CA PRO A 230 -3.95 -7.57 17.11
C PRO A 230 -3.77 -6.87 15.77
N ARG A 231 -4.72 -5.99 15.48
CA ARG A 231 -4.74 -5.25 14.22
C ARG A 231 -4.97 -3.76 14.51
N LEU A 232 -4.00 -2.94 14.11
CA LEU A 232 -4.09 -1.50 14.26
C LEU A 232 -4.31 -0.86 12.92
N LEU A 233 -5.36 -0.05 12.81
CA LEU A 233 -5.62 0.77 11.63
C LEU A 233 -5.21 2.20 11.95
N ILE A 234 -4.36 2.80 11.11
CA ILE A 234 -4.03 4.22 11.18
C ILE A 234 -4.54 4.80 9.88
N ASN A 235 -5.57 5.63 9.94
CA ASN A 235 -6.26 6.04 8.72
C ASN A 235 -7.13 7.24 9.05
N LYS A 236 -7.52 8.01 8.03
CA LYS A 236 -8.40 9.14 8.28
C LYS A 236 -9.81 8.72 8.75
N GLU A 237 -10.23 7.51 8.33
N GLU A 237 -10.26 7.54 8.33
CA GLU A 237 -11.58 6.99 8.55
CA GLU A 237 -11.60 7.05 8.69
C GLU A 237 -11.49 5.53 8.93
C GLU A 237 -11.49 5.57 8.96
N LYS A 238 -12.49 5.02 9.64
CA LYS A 238 -12.54 3.58 9.89
C LYS A 238 -12.73 2.87 8.55
N ALA A 239 -12.12 1.69 8.45
CA ALA A 239 -12.22 0.86 7.27
C ALA A 239 -12.08 -0.58 7.70
N GLY A 240 -12.59 -1.47 6.87
CA GLY A 240 -12.41 -2.90 7.07
C GLY A 240 -13.48 -3.62 7.87
N GLN A 241 -14.50 -2.90 8.33
N GLN A 241 -14.49 -2.90 8.34
CA GLN A 241 -15.58 -3.53 9.10
CA GLN A 241 -15.59 -3.52 9.07
C GLN A 241 -16.46 -4.32 8.14
C GLN A 241 -16.43 -4.34 8.11
N SER A 242 -17.06 -5.40 8.63
CA SER A 242 -17.99 -6.19 7.83
C SER A 242 -19.23 -5.35 7.54
N ASP A 243 -19.71 -5.44 6.31
CA ASP A 243 -20.95 -4.79 5.92
C ASP A 243 -22.09 -5.50 6.65
N PRO A 244 -23.09 -4.74 7.14
CA PRO A 244 -24.16 -5.40 7.90
C PRO A 244 -25.05 -6.34 7.08
N PHE A 245 -25.01 -6.24 5.75
CA PHE A 245 -25.79 -7.13 4.87
C PHE A 245 -24.96 -8.24 4.25
N LEU A 246 -23.80 -7.89 3.71
CA LEU A 246 -22.93 -8.88 3.08
C LEU A 246 -22.32 -9.83 4.12
N GLY A 247 -22.07 -9.34 5.34
CA GLY A 247 -21.49 -10.17 6.40
C GLY A 247 -22.31 -11.36 6.89
N GLY A 254 -14.06 -12.26 9.59
CA GLY A 254 -12.79 -11.69 10.00
C GLY A 254 -12.63 -10.20 9.74
N GLY A 255 -13.77 -9.49 9.61
CA GLY A 255 -13.76 -8.03 9.43
C GLY A 255 -13.29 -7.33 10.70
N MET A 256 -12.91 -6.06 10.55
N MET A 256 -12.91 -6.06 10.57
CA MET A 256 -12.54 -5.25 11.70
CA MET A 256 -12.46 -5.26 11.71
C MET A 256 -13.70 -5.08 12.66
C MET A 256 -13.61 -4.93 12.67
N ASP A 257 -13.41 -5.25 13.95
CA ASP A 257 -14.37 -4.91 14.99
C ASP A 257 -13.70 -4.04 16.02
N PHE A 258 -13.86 -2.74 15.84
CA PHE A 258 -13.29 -1.75 16.74
C PHE A 258 -14.20 -1.50 17.95
N ASP A 259 -15.52 -1.57 17.72
CA ASP A 259 -16.50 -0.88 18.56
C ASP A 259 -17.58 -1.76 19.20
N SER A 260 -17.78 -2.98 18.72
CA SER A 260 -18.87 -3.79 19.26
C SER A 260 -18.54 -4.30 20.66
N LYS A 261 -19.54 -4.87 21.31
CA LYS A 261 -19.37 -5.43 22.64
C LYS A 261 -18.36 -6.59 22.63
N LYS A 262 -18.23 -7.24 21.47
CA LYS A 262 -17.30 -8.34 21.27
C LYS A 262 -15.90 -7.90 20.81
N ALA A 263 -15.64 -6.60 20.65
CA ALA A 263 -14.32 -6.14 20.22
C ALA A 263 -13.24 -6.57 21.22
N TYR A 264 -12.12 -7.08 20.71
CA TYR A 264 -11.06 -7.62 21.57
C TYR A 264 -9.63 -7.43 21.06
N ARG A 265 -9.45 -7.02 19.81
CA ARG A 265 -8.08 -6.94 19.26
C ARG A 265 -7.82 -5.87 18.20
N ASP A 266 -8.85 -5.15 17.76
CA ASP A 266 -8.72 -4.19 16.67
C ASP A 266 -8.78 -2.78 17.24
N VAL A 267 -7.85 -1.94 16.80
CA VAL A 267 -7.74 -0.57 17.25
C VAL A 267 -7.72 0.35 16.05
N ALA A 268 -8.51 1.42 16.09
CA ALA A 268 -8.49 2.47 15.07
C ALA A 268 -7.93 3.76 15.66
N TRP A 269 -6.87 4.25 15.02
CA TRP A 269 -6.33 5.57 15.33
C TRP A 269 -6.64 6.45 14.13
N LEU A 270 -7.49 7.46 14.32
CA LEU A 270 -8.02 8.20 13.21
C LEU A 270 -7.36 9.55 13.08
N GLY A 271 -6.79 9.78 11.90
CA GLY A 271 -6.07 10.99 11.59
C GLY A 271 -5.13 10.74 10.44
N GLU A 272 -4.18 11.65 10.26
N GLU A 272 -4.15 11.63 10.30
CA GLU A 272 -3.18 11.53 9.21
CA GLU A 272 -3.15 11.55 9.24
C GLU A 272 -2.19 10.43 9.53
C GLU A 272 -2.21 10.39 9.55
N CYS A 273 -1.85 9.61 8.53
CA CYS A 273 -0.91 8.50 8.72
C CYS A 273 0.40 8.97 9.30
N ASP A 274 0.89 10.13 8.84
CA ASP A 274 2.15 10.67 9.35
C ASP A 274 2.07 10.97 10.85
N GLN A 275 0.94 11.54 11.27
CA GLN A 275 0.71 11.87 12.68
CA GLN A 275 0.76 11.86 12.69
C GLN A 275 0.58 10.62 13.56
N GLY A 276 -0.13 9.62 13.07
CA GLY A 276 -0.30 8.40 13.83
C GLY A 276 1.00 7.64 13.99
N CYS A 277 1.77 7.56 12.90
CA CYS A 277 3.08 6.92 12.98
C CYS A 277 4.02 7.66 13.91
N LEU A 278 3.99 9.00 13.88
CA LEU A 278 4.78 9.78 14.80
C LEU A 278 4.38 9.52 16.26
N ALA A 279 3.07 9.45 16.51
CA ALA A 279 2.56 9.19 17.85
C ALA A 279 3.00 7.80 18.34
N LEU A 280 2.90 6.82 17.46
CA LEU A 280 3.32 5.48 17.83
C LEU A 280 4.84 5.43 18.07
N ALA A 281 5.61 6.05 17.19
CA ALA A 281 7.04 6.13 17.39
C ALA A 281 7.39 6.75 18.75
N GLU A 282 6.68 7.81 19.12
CA GLU A 282 6.95 8.46 20.39
C GLU A 282 6.76 7.49 21.57
N LEU A 283 5.66 6.74 21.55
CA LEU A 283 5.41 5.77 22.63
C LEU A 283 6.52 4.72 22.71
N LEU A 284 7.05 4.35 21.55
CA LEU A 284 8.09 3.35 21.44
C LEU A 284 9.50 3.81 21.78
N GLY A 285 9.68 5.11 21.99
CA GLY A 285 11.00 5.66 22.17
C GLY A 285 11.77 5.88 20.88
N TRP A 286 11.05 5.91 19.78
CA TRP A 286 11.66 6.04 18.44
C TRP A 286 11.48 7.43 17.82
N LYS A 287 10.90 8.39 18.55
CA LYS A 287 10.57 9.67 17.91
C LYS A 287 11.80 10.39 17.38
N LYS A 288 12.87 10.46 18.19
CA LYS A 288 14.10 11.13 17.71
C LYS A 288 14.69 10.38 16.50
N GLU A 289 14.71 9.04 16.57
CA GLU A 289 15.26 8.27 15.45
C GLU A 289 14.46 8.55 14.19
N LEU A 290 13.14 8.61 14.31
CA LEU A 290 12.29 8.86 13.16
C LEU A 290 12.49 10.29 12.59
N GLU A 291 12.52 11.28 13.47
CA GLU A 291 12.75 12.67 13.06
C GLU A 291 14.08 12.80 12.34
N ASP A 292 15.13 12.22 12.93
CA ASP A 292 16.47 12.32 12.35
C ASP A 292 16.54 11.61 10.98
N LEU A 293 15.93 10.44 10.89
CA LEU A 293 15.91 9.67 9.66
C LEU A 293 15.19 10.42 8.53
N VAL A 294 14.01 10.93 8.82
CA VAL A 294 13.22 11.64 7.81
C VAL A 294 13.96 12.90 7.38
N ARG A 295 14.45 13.68 8.34
CA ARG A 295 15.16 14.92 7.98
C ARG A 295 16.39 14.66 7.11
N ARG A 296 17.17 13.63 7.46
CA ARG A 296 18.40 13.34 6.69
C ARG A 296 18.04 12.83 5.29
N GLU A 297 17.07 11.90 5.21
CA GLU A 297 16.69 11.36 3.90
C GLU A 297 16.07 12.43 3.00
N HIS A 298 15.18 13.24 3.59
CA HIS A 298 14.58 14.34 2.82
C HIS A 298 15.63 15.35 2.33
N ALA A 299 16.57 15.70 3.19
CA ALA A 299 17.65 16.62 2.79
C ALA A 299 18.50 16.05 1.68
N SER A 300 18.78 14.74 1.75
CA SER A 300 19.55 14.11 0.69
C SER A 300 18.76 14.11 -0.64
N ILE A 301 17.48 13.78 -0.58
CA ILE A 301 16.63 13.82 -1.76
C ILE A 301 16.56 15.24 -2.32
N ASP A 302 16.39 16.24 -1.45
CA ASP A 302 16.33 17.63 -1.90
C ASP A 302 17.65 18.07 -2.54
N ALA A 303 18.76 17.48 -2.11
CA ALA A 303 20.07 17.76 -2.69
C ALA A 303 20.33 17.18 -4.09
N GLN A 304 19.52 16.24 -4.55
CA GLN A 304 19.71 15.56 -5.85
C GLN A 304 19.48 16.52 -7.01
N PRO B 1 -5.17 -15.12 -8.81
CA PRO B 1 -6.46 -14.45 -8.86
C PRO B 1 -6.37 -12.98 -9.24
N LYS B 2 -7.50 -12.42 -9.71
CA LYS B 2 -7.55 -11.07 -10.31
C LYS B 2 -7.94 -9.93 -9.37
N LYS B 3 -7.42 -8.75 -9.70
CA LYS B 3 -7.76 -7.50 -9.00
C LYS B 3 -9.20 -7.09 -9.34
N THR B 4 -10.04 -6.95 -8.31
CA THR B 4 -11.47 -6.62 -8.47
C THR B 4 -11.91 -5.58 -7.43
N GLY B 5 -13.00 -4.88 -7.74
CA GLY B 5 -13.48 -3.78 -6.91
C GLY B 5 -14.13 -4.27 -5.63
#